data_5U3J
#
_entry.id   5U3J
#
_cell.length_a   64.092
_cell.length_b   133.963
_cell.length_c   179.594
_cell.angle_alpha   90.00
_cell.angle_beta   90.00
_cell.angle_gamma   90.00
#
_symmetry.space_group_name_H-M   'I 2 2 2'
#
loop_
_entity.id
_entity.type
_entity.pdbx_description
1 polymer 'DH511.1 Heavy Chain'
2 polymer 'DH511.1 Light Chain'
3 polymer 'gp41 MPER peptide'
4 water water
#
loop_
_entity_poly.entity_id
_entity_poly.type
_entity_poly.pdbx_seq_one_letter_code
_entity_poly.pdbx_strand_id
1 'polypeptide(L)'
;EVQLVESGGGLVKPGGSLRLSCAASGFTFSNTWMSWVRQAPGKGLEWVGRISRNKDGAKTEYAAPVRGRFTISRDDSRDT
LYLQMTSLKIEDSGRYFCTADLGEPVVSRFFEWGSYYYYMDLWGKGTTVTVSSASTKGPSVFPLAPSSKSTSGGTAALGC
LVKDYFPEPVTVSWNSGALTSGVHTFPAVLQSSGLYSLSSVVTVPSSSLGTQTYICNVNHKPSNTKVDKRVEPKS
;
H
2 'polypeptide(L)'
;DIQMTQSPSPLSASVGDTVTITCRASQKISDYLNWYQQKPGRAPKILIYAASKLGSGVPSRFSGSGYGRDFTLTITGLQP
EDFATYYCQEAYSSTPTLTFGQGTRLDLKRTVAAPSVFIFPPSDEQLKSGTASVVCLLNNFYPREAKVQWKVDNALQSGN
SQESVTEQDSKDSTYSLSSTLTLSKADYEKHKVYACEVTHQGLSSPVTKSFNRGE
;
L
3 'polypeptide(L)' RRRNEQELLELDKWASLWNWFDITNWLWYIRRRR A
#
# COMPACT_ATOMS: atom_id res chain seq x y z
N GLU A 1 -20.93 -19.39 -1.86
CA GLU A 1 -19.79 -19.99 -1.12
C GLU A 1 -19.56 -19.26 0.20
N VAL A 2 -18.29 -19.12 0.59
CA VAL A 2 -17.91 -18.45 1.83
C VAL A 2 -17.19 -17.16 1.45
N GLN A 3 -17.76 -16.02 1.85
CA GLN A 3 -17.18 -14.73 1.49
C GLN A 3 -17.66 -13.66 2.44
N LEU A 4 -16.99 -12.50 2.37
CA LEU A 4 -17.38 -11.30 3.10
C LEU A 4 -17.41 -10.14 2.11
N VAL A 5 -18.47 -9.35 2.16
CA VAL A 5 -18.67 -8.25 1.21
C VAL A 5 -18.83 -6.96 2.00
N GLU A 6 -17.82 -6.10 1.92
CA GLU A 6 -17.88 -4.79 2.55
C GLU A 6 -18.50 -3.78 1.61
N SER A 7 -19.10 -2.73 2.19
CA SER A 7 -19.77 -1.70 1.42
C SER A 7 -19.83 -0.43 2.24
N GLY A 8 -20.32 0.63 1.62
CA GLY A 8 -20.53 1.89 2.29
C GLY A 8 -19.36 2.86 2.22
N GLY A 9 -18.24 2.46 1.61
CA GLY A 9 -17.09 3.33 1.54
C GLY A 9 -17.24 4.40 0.48
N GLY A 10 -16.61 5.55 0.74
CA GLY A 10 -16.64 6.66 -0.20
C GLY A 10 -15.99 7.92 0.32
N LEU A 11 -16.48 9.08 -0.14
CA LEU A 11 -15.86 10.36 0.17
C LEU A 11 -16.60 11.02 1.34
N VAL A 12 -15.81 11.55 2.28
CA VAL A 12 -16.36 12.18 3.47
C VAL A 12 -15.39 13.25 3.94
N LYS A 13 -15.92 14.37 4.41
CA LYS A 13 -15.07 15.47 4.84
C LYS A 13 -14.45 15.19 6.21
N PRO A 14 -13.29 15.80 6.49
CA PRO A 14 -12.70 15.63 7.83
C PRO A 14 -13.66 16.09 8.92
N GLY A 15 -13.67 15.35 10.02
CA GLY A 15 -14.61 15.60 11.10
C GLY A 15 -15.98 14.99 10.90
N GLY A 16 -16.27 14.48 9.70
CA GLY A 16 -17.54 13.83 9.45
C GLY A 16 -17.59 12.42 9.98
N SER A 17 -18.70 11.74 9.70
CA SER A 17 -18.90 10.38 10.13
C SER A 17 -19.28 9.52 8.92
N LEU A 18 -19.03 8.22 9.04
CA LEU A 18 -19.27 7.28 7.96
C LEU A 18 -19.50 5.91 8.55
N ARG A 19 -20.37 5.14 7.90
CA ARG A 19 -20.75 3.82 8.38
C ARG A 19 -20.44 2.78 7.31
N LEU A 20 -19.58 1.83 7.64
CA LEU A 20 -19.35 0.67 6.80
C LEU A 20 -20.18 -0.51 7.32
N SER A 21 -20.44 -1.45 6.42
CA SER A 21 -21.17 -2.66 6.78
C SER A 21 -20.61 -3.81 5.95
N CYS A 22 -20.61 -5.00 6.55
CA CYS A 22 -20.17 -6.20 5.86
C CYS A 22 -21.19 -7.31 6.06
N ALA A 23 -21.62 -7.91 4.95
CA ALA A 23 -22.49 -9.07 4.98
C ALA A 23 -21.65 -10.34 4.89
N ALA A 24 -22.05 -11.37 5.63
CA ALA A 24 -21.32 -12.63 5.68
C ALA A 24 -22.22 -13.76 5.19
N SER A 25 -21.57 -14.81 4.71
CA SER A 25 -22.29 -15.98 4.22
C SER A 25 -21.33 -17.16 4.18
N GLY A 26 -21.91 -18.36 4.23
CA GLY A 26 -21.13 -19.59 4.16
C GLY A 26 -20.67 -20.14 5.48
N PHE A 27 -20.91 -19.43 6.58
CA PHE A 27 -20.53 -19.92 7.90
C PHE A 27 -21.47 -19.31 8.93
N THR A 28 -21.33 -19.75 10.18
CA THR A 28 -22.22 -19.32 11.25
C THR A 28 -21.70 -18.01 11.82
N PHE A 29 -22.25 -16.90 11.32
CA PHE A 29 -21.82 -15.58 11.76
C PHE A 29 -21.90 -15.44 13.27
N SER A 30 -22.98 -15.94 13.87
CA SER A 30 -23.20 -15.71 15.31
C SER A 30 -22.14 -16.39 16.17
N ASN A 31 -21.58 -17.50 15.71
CA ASN A 31 -20.58 -18.25 16.47
C ASN A 31 -19.16 -17.87 16.08
N THR A 32 -18.96 -16.67 15.55
CA THR A 32 -17.68 -16.26 15.00
C THR A 32 -17.33 -14.86 15.49
N TRP A 33 -16.05 -14.66 15.81
CA TRP A 33 -15.55 -13.35 16.17
C TRP A 33 -15.17 -12.58 14.90
N MET A 34 -15.42 -11.29 14.91
CA MET A 34 -15.23 -10.45 13.74
C MET A 34 -14.29 -9.28 14.06
N SER A 35 -13.51 -8.88 13.06
CA SER A 35 -12.58 -7.78 13.23
C SER A 35 -12.54 -6.95 11.95
N TRP A 36 -12.12 -5.70 12.09
CA TRP A 36 -11.87 -4.80 10.97
C TRP A 36 -10.38 -4.53 10.85
N VAL A 37 -9.89 -4.49 9.62
CA VAL A 37 -8.49 -4.19 9.33
C VAL A 37 -8.46 -3.22 8.15
N ARG A 38 -7.71 -2.12 8.31
CA ARG A 38 -7.60 -1.12 7.26
C ARG A 38 -6.19 -1.10 6.70
N GLN A 39 -6.08 -0.57 5.48
CA GLN A 39 -4.79 -0.47 4.79
C GLN A 39 -4.77 0.83 4.02
N ALA A 40 -3.94 1.77 4.47
CA ALA A 40 -3.79 3.03 3.75
C ALA A 40 -3.00 2.79 2.46
N PRO A 41 -3.19 3.63 1.45
CA PRO A 41 -2.50 3.40 0.17
C PRO A 41 -0.99 3.42 0.36
N GLY A 42 -0.32 2.44 -0.24
CA GLY A 42 1.12 2.33 -0.18
C GLY A 42 1.68 1.91 1.16
N LYS A 43 0.83 1.68 2.16
CA LYS A 43 1.26 1.31 3.50
C LYS A 43 0.84 -0.13 3.79
N GLY A 44 1.13 -0.58 5.01
CA GLY A 44 0.86 -1.93 5.43
C GLY A 44 -0.47 -2.08 6.14
N LEU A 45 -0.69 -3.26 6.68
CA LEU A 45 -1.94 -3.58 7.36
C LEU A 45 -1.94 -3.04 8.77
N GLU A 46 -3.14 -2.73 9.27
CA GLU A 46 -3.30 -2.15 10.60
C GLU A 46 -4.62 -2.61 11.17
N TRP A 47 -4.57 -3.27 12.32
CA TRP A 47 -5.78 -3.76 12.98
C TRP A 47 -6.58 -2.58 13.55
N VAL A 48 -7.89 -2.63 13.36
CA VAL A 48 -8.77 -1.53 13.78
C VAL A 48 -9.46 -1.91 15.08
N GLY A 49 -10.19 -3.02 15.07
CA GLY A 49 -10.93 -3.44 16.25
C GLY A 49 -11.62 -4.76 15.98
N ARG A 50 -12.09 -5.39 17.05
CA ARG A 50 -12.76 -6.68 16.94
C ARG A 50 -13.98 -6.69 17.84
N ILE A 51 -14.85 -7.68 17.58
CA ILE A 51 -16.06 -7.88 18.36
C ILE A 51 -16.22 -9.39 18.58
N SER A 52 -16.90 -9.75 19.66
CA SER A 52 -17.13 -11.13 20.02
C SER A 52 -18.58 -11.51 19.73
N ARG A 53 -18.90 -12.78 19.95
CA ARG A 53 -20.26 -13.25 19.74
C ARG A 53 -21.21 -12.64 20.78
N ASN A 54 -22.50 -12.62 20.45
CA ASN A 54 -23.48 -12.18 21.42
C ASN A 54 -23.50 -13.08 22.64
N LYS A 55 -23.19 -14.37 22.46
CA LYS A 55 -23.12 -15.29 23.59
C LYS A 55 -22.08 -14.84 24.60
N ASP A 56 -21.05 -14.12 24.15
CA ASP A 56 -20.01 -13.61 25.04
C ASP A 56 -20.32 -12.22 25.58
N GLY A 57 -21.35 -11.55 25.06
CA GLY A 57 -21.68 -10.19 25.45
C GLY A 57 -21.36 -9.14 24.41
N ALA A 58 -20.78 -9.53 23.27
CA ALA A 58 -20.44 -8.58 22.20
C ALA A 58 -19.40 -7.57 22.68
N LYS A 59 -18.46 -8.03 23.50
CA LYS A 59 -17.37 -7.17 23.94
C LYS A 59 -16.59 -6.66 22.74
N THR A 60 -16.30 -5.37 22.74
CA THR A 60 -15.57 -4.72 21.65
C THR A 60 -14.24 -4.20 22.17
N GLU A 61 -13.18 -4.44 21.40
CA GLU A 61 -11.84 -3.97 21.72
C GLU A 61 -11.26 -3.31 20.47
N TYR A 62 -10.70 -2.13 20.64
CA TYR A 62 -10.27 -1.30 19.51
C TYR A 62 -8.78 -1.02 19.59
N ALA A 63 -8.24 -0.54 18.47
CA ALA A 63 -6.87 -0.07 18.41
C ALA A 63 -6.78 1.38 18.87
N ALA A 64 -5.69 1.71 19.55
CA ALA A 64 -5.52 3.05 20.11
C ALA A 64 -5.85 4.17 19.13
N PRO A 65 -5.30 4.20 17.91
CA PRO A 65 -5.55 5.36 17.04
C PRO A 65 -7.02 5.62 16.75
N VAL A 66 -7.86 4.59 16.80
CA VAL A 66 -9.29 4.75 16.59
C VAL A 66 -10.10 4.68 17.87
N ARG A 67 -9.51 4.27 18.98
CA ARG A 67 -10.26 4.14 20.22
C ARG A 67 -10.91 5.47 20.57
N GLY A 68 -12.22 5.43 20.88
CA GLY A 68 -12.97 6.60 21.24
C GLY A 68 -13.74 7.23 20.09
N ARG A 69 -13.32 6.98 18.85
CA ARG A 69 -13.99 7.53 17.68
C ARG A 69 -14.82 6.52 16.92
N PHE A 70 -14.34 5.27 16.80
CA PHE A 70 -15.03 4.25 16.04
C PHE A 70 -15.81 3.33 16.97
N THR A 71 -16.84 2.69 16.41
CA THR A 71 -17.67 1.75 17.14
C THR A 71 -17.99 0.57 16.23
N ILE A 72 -17.82 -0.64 16.76
CA ILE A 72 -18.12 -1.86 16.02
C ILE A 72 -19.36 -2.50 16.63
N SER A 73 -20.23 -3.03 15.78
CA SER A 73 -21.43 -3.71 16.22
C SER A 73 -21.71 -4.85 15.24
N ARG A 74 -22.66 -5.70 15.61
CA ARG A 74 -23.05 -6.83 14.78
C ARG A 74 -24.54 -7.04 14.90
N ASP A 75 -25.12 -7.66 13.87
CA ASP A 75 -26.56 -7.94 13.82
C ASP A 75 -26.71 -9.36 13.28
N ASP A 76 -26.69 -10.34 14.18
CA ASP A 76 -26.83 -11.73 13.78
C ASP A 76 -28.14 -11.99 13.07
N SER A 77 -29.14 -11.11 13.23
CA SER A 77 -30.41 -11.27 12.52
C SER A 77 -30.22 -11.25 11.01
N ARG A 78 -29.17 -10.57 10.52
CA ARG A 78 -28.88 -10.48 9.10
C ARG A 78 -27.43 -10.76 8.78
N ASP A 79 -26.72 -11.44 9.68
CA ASP A 79 -25.31 -11.78 9.51
C ASP A 79 -24.53 -10.59 8.95
N THR A 80 -24.59 -9.48 9.68
CA THR A 80 -23.99 -8.23 9.24
C THR A 80 -23.14 -7.64 10.36
N LEU A 81 -21.95 -7.17 9.97
CA LEU A 81 -21.04 -6.46 10.87
C LEU A 81 -21.00 -5.00 10.45
N TYR A 82 -20.88 -4.11 11.43
CA TYR A 82 -20.89 -2.67 11.19
C TYR A 82 -19.65 -2.02 11.76
N LEU A 83 -19.27 -0.88 11.18
CA LEU A 83 -18.20 -0.03 11.69
C LEU A 83 -18.67 1.41 11.58
N GLN A 84 -19.00 2.03 12.70
CA GLN A 84 -19.49 3.41 12.74
C GLN A 84 -18.31 4.32 13.04
N MET A 85 -17.84 5.03 12.01
CA MET A 85 -16.71 5.94 12.14
C MET A 85 -17.23 7.36 12.31
N THR A 86 -16.78 8.02 13.37
CA THR A 86 -17.13 9.42 13.63
C THR A 86 -15.85 10.23 13.78
N SER A 87 -15.99 11.54 13.66
CA SER A 87 -14.88 12.48 13.81
C SER A 87 -13.66 12.00 13.00
N LEU A 88 -13.87 11.89 11.70
CA LEU A 88 -12.88 11.26 10.83
C LEU A 88 -11.71 12.19 10.56
N LYS A 89 -10.52 11.60 10.46
CA LYS A 89 -9.28 12.31 10.16
C LYS A 89 -8.78 11.90 8.78
N ILE A 90 -7.89 12.72 8.23
CA ILE A 90 -7.27 12.40 6.95
C ILE A 90 -6.55 11.05 7.02
N GLU A 91 -6.03 10.69 8.20
CA GLU A 91 -5.24 9.48 8.36
C GLU A 91 -6.10 8.21 8.42
N ASP A 92 -7.43 8.36 8.46
CA ASP A 92 -8.32 7.20 8.46
C ASP A 92 -8.59 6.68 7.05
N SER A 93 -8.10 7.37 6.02
CA SER A 93 -8.34 6.95 4.64
C SER A 93 -7.58 5.65 4.34
N GLY A 94 -8.23 4.76 3.60
CA GLY A 94 -7.59 3.53 3.19
C GLY A 94 -8.64 2.53 2.75
N ARG A 95 -8.19 1.29 2.56
CA ARG A 95 -9.06 0.18 2.24
C ARG A 95 -9.38 -0.57 3.52
N TYR A 96 -10.65 -0.57 3.92
CA TYR A 96 -11.09 -1.22 5.13
C TYR A 96 -11.56 -2.64 4.80
N PHE A 97 -10.87 -3.63 5.36
CA PHE A 97 -11.23 -5.03 5.22
C PHE A 97 -12.05 -5.48 6.42
N CYS A 98 -13.00 -6.37 6.15
CA CYS A 98 -13.69 -7.09 7.21
C CYS A 98 -13.09 -8.48 7.35
N THR A 99 -13.13 -9.02 8.56
CA THR A 99 -12.46 -10.28 8.84
C THR A 99 -13.28 -11.11 9.81
N ALA A 100 -13.37 -12.40 9.51
CA ALA A 100 -13.82 -13.41 10.46
C ALA A 100 -12.59 -14.04 11.09
N ASP A 101 -12.49 -13.94 12.41
CA ASP A 101 -11.29 -14.37 13.12
C ASP A 101 -11.47 -15.77 13.70
N LEU A 102 -10.35 -16.35 14.11
CA LEU A 102 -10.34 -17.65 14.77
C LEU A 102 -9.33 -17.62 15.90
N GLY A 103 -9.62 -18.39 16.94
CA GLY A 103 -8.71 -18.60 18.04
C GLY A 103 -8.30 -20.05 18.12
N GLU A 104 -7.08 -20.27 18.58
CA GLU A 104 -6.56 -21.61 18.85
C GLU A 104 -6.21 -21.70 20.33
N PRO A 105 -6.90 -22.52 21.13
CA PRO A 105 -6.57 -22.58 22.55
C PRO A 105 -5.13 -23.00 22.78
N VAL A 106 -4.49 -22.39 23.77
CA VAL A 106 -3.20 -22.86 24.23
C VAL A 106 -3.40 -24.19 24.95
N VAL A 107 -2.57 -25.18 24.62
CA VAL A 107 -2.77 -26.54 25.10
C VAL A 107 -1.47 -27.11 25.67
N SER A 108 -0.39 -27.00 24.91
CA SER A 108 0.87 -27.64 25.28
C SER A 108 1.26 -27.30 26.72
N ARG A 109 1.29 -26.01 27.05
CA ARG A 109 1.74 -25.56 28.37
C ARG A 109 0.52 -25.27 29.24
N PHE A 110 0.52 -25.87 30.44
CA PHE A 110 -0.65 -25.77 31.31
C PHE A 110 -0.84 -24.35 31.84
N PHE A 111 0.25 -23.73 32.30
CA PHE A 111 0.15 -22.43 32.96
C PHE A 111 -0.25 -21.30 32.03
N GLU A 112 -0.52 -21.57 30.75
CA GLU A 112 -1.07 -20.59 29.84
C GLU A 112 -2.48 -20.96 29.37
N TRP A 113 -3.10 -21.96 30.00
CA TRP A 113 -4.48 -22.31 29.68
C TRP A 113 -5.39 -21.11 29.92
N GLY A 114 -6.17 -20.75 28.91
CA GLY A 114 -7.00 -19.58 28.96
C GLY A 114 -6.66 -18.61 27.85
N SER A 115 -5.38 -18.37 27.64
CA SER A 115 -4.94 -17.61 26.49
C SER A 115 -5.10 -18.46 25.23
N TYR A 116 -4.86 -17.83 24.07
CA TYR A 116 -5.13 -18.48 22.79
C TYR A 116 -4.27 -17.81 21.73
N TYR A 117 -4.40 -18.29 20.50
CA TYR A 117 -3.70 -17.73 19.34
C TYR A 117 -4.76 -17.14 18.41
N TYR A 118 -4.77 -15.81 18.30
CA TYR A 118 -5.75 -15.09 17.50
C TYR A 118 -5.17 -14.76 16.13
N TYR A 119 -5.97 -14.94 15.08
CA TYR A 119 -5.50 -14.63 13.73
C TYR A 119 -6.69 -14.34 12.83
N MET A 120 -6.38 -13.74 11.67
CA MET A 120 -7.37 -13.33 10.69
C MET A 120 -7.50 -14.43 9.65
N ASP A 121 -8.61 -15.16 9.67
CA ASP A 121 -8.75 -16.34 8.82
C ASP A 121 -9.40 -16.04 7.48
N LEU A 122 -10.44 -15.20 7.46
CA LEU A 122 -11.18 -14.91 6.24
C LEU A 122 -11.27 -13.41 6.05
N TRP A 123 -11.04 -12.96 4.82
CA TRP A 123 -11.03 -11.55 4.47
C TRP A 123 -12.00 -11.28 3.33
N GLY A 124 -12.49 -10.05 3.26
CA GLY A 124 -13.30 -9.59 2.16
C GLY A 124 -12.50 -8.78 1.16
N LYS A 125 -13.14 -8.44 0.05
CA LYS A 125 -12.47 -7.63 -0.97
C LYS A 125 -12.10 -6.25 -0.43
N GLY A 126 -12.86 -5.73 0.53
CA GLY A 126 -12.61 -4.44 1.11
C GLY A 126 -13.35 -3.31 0.39
N THR A 127 -13.36 -2.15 1.05
CA THR A 127 -14.02 -0.97 0.52
C THR A 127 -13.18 0.25 0.89
N THR A 128 -12.97 1.14 -0.07
CA THR A 128 -12.08 2.28 0.13
C THR A 128 -12.83 3.46 0.75
N VAL A 129 -12.19 4.07 1.73
CA VAL A 129 -12.67 5.30 2.35
C VAL A 129 -11.67 6.40 2.02
N THR A 130 -12.17 7.62 1.80
CA THR A 130 -11.32 8.76 1.47
C THR A 130 -11.82 9.96 2.24
N VAL A 131 -10.98 10.48 3.13
CA VAL A 131 -11.29 11.65 3.93
C VAL A 131 -10.50 12.82 3.36
N SER A 132 -11.20 13.81 2.82
CA SER A 132 -10.55 14.96 2.21
C SER A 132 -11.53 16.12 2.19
N SER A 133 -11.01 17.32 2.45
CA SER A 133 -11.78 18.55 2.28
C SER A 133 -11.79 19.03 0.84
N ALA A 134 -11.10 18.33 -0.06
CA ALA A 134 -10.99 18.78 -1.43
C ALA A 134 -12.34 18.71 -2.15
N SER A 135 -12.47 19.51 -3.20
CA SER A 135 -13.63 19.50 -4.07
C SER A 135 -13.20 19.11 -5.48
N THR A 136 -14.13 18.53 -6.23
CA THR A 136 -13.83 18.06 -7.57
C THR A 136 -13.18 19.17 -8.38
N LYS A 137 -12.01 18.87 -8.94
CA LYS A 137 -11.25 19.85 -9.70
C LYS A 137 -10.49 19.13 -10.81
N GLY A 138 -10.57 19.68 -12.02
CA GLY A 138 -9.86 19.13 -13.15
C GLY A 138 -8.37 19.39 -13.07
N PRO A 139 -7.58 18.57 -13.78
CA PRO A 139 -6.12 18.73 -13.73
C PRO A 139 -5.63 19.87 -14.61
N SER A 140 -4.40 20.28 -14.33
CA SER A 140 -3.68 21.26 -15.14
C SER A 140 -2.45 20.57 -15.70
N VAL A 141 -2.49 20.24 -16.99
CA VAL A 141 -1.41 19.48 -17.61
C VAL A 141 -0.29 20.43 -18.01
N PHE A 142 0.94 20.03 -17.73
CA PHE A 142 2.11 20.82 -18.06
C PHE A 142 3.14 19.98 -18.80
N PRO A 143 3.92 20.58 -19.69
CA PRO A 143 4.92 19.80 -20.44
C PRO A 143 6.09 19.39 -19.55
N LEU A 144 6.71 18.28 -19.95
CA LEU A 144 8.04 17.90 -19.46
C LEU A 144 8.93 17.87 -20.69
N ALA A 145 9.41 19.04 -21.07
CA ALA A 145 10.03 19.22 -22.38
C ALA A 145 11.35 18.45 -22.45
N PRO A 146 11.65 17.79 -23.57
CA PRO A 146 12.97 17.20 -23.74
C PRO A 146 14.02 18.25 -24.09
N SER A 147 15.25 17.98 -23.68
CA SER A 147 16.33 18.94 -23.81
C SER A 147 17.65 18.16 -23.80
N SER A 148 18.76 18.90 -23.73
CA SER A 148 20.07 18.25 -23.60
C SER A 148 20.21 17.52 -22.27
N LYS A 149 19.61 18.07 -21.20
CA LYS A 149 19.62 17.42 -19.90
C LYS A 149 18.54 16.35 -19.77
N SER A 150 18.03 15.85 -20.90
CA SER A 150 17.03 14.78 -20.90
C SER A 150 17.30 13.80 -22.04
N THR A 151 18.56 13.69 -22.47
CA THR A 151 18.93 12.82 -23.56
C THR A 151 20.13 11.96 -23.15
N SER A 152 20.07 10.67 -23.46
CA SER A 152 21.14 9.73 -23.17
C SER A 152 21.58 9.11 -24.50
N GLY A 153 22.66 9.64 -25.08
CA GLY A 153 23.13 9.18 -26.37
C GLY A 153 22.13 9.45 -27.47
N GLY A 154 21.52 8.38 -27.99
CA GLY A 154 20.51 8.53 -29.02
C GLY A 154 19.12 8.24 -28.50
N THR A 155 18.82 8.71 -27.29
CA THR A 155 17.53 8.46 -26.65
C THR A 155 17.15 9.67 -25.82
N ALA A 156 16.03 10.30 -26.17
CA ALA A 156 15.52 11.46 -25.45
C ALA A 156 14.30 11.06 -24.61
N ALA A 157 14.04 11.86 -23.59
CA ALA A 157 12.95 11.60 -22.66
C ALA A 157 12.06 12.84 -22.55
N LEU A 158 10.75 12.61 -22.45
CA LEU A 158 9.78 13.69 -22.37
C LEU A 158 8.52 13.13 -21.70
N GLY A 159 7.63 14.04 -21.33
CA GLY A 159 6.42 13.62 -20.65
C GLY A 159 5.48 14.78 -20.39
N CYS A 160 4.41 14.47 -19.66
CA CYS A 160 3.41 15.44 -19.26
C CYS A 160 3.18 15.34 -17.76
N LEU A 161 2.99 16.49 -17.12
CA LEU A 161 2.74 16.58 -15.69
C LEU A 161 1.28 16.92 -15.47
N VAL A 162 0.52 15.96 -14.95
CA VAL A 162 -0.89 16.15 -14.63
C VAL A 162 -0.96 16.50 -13.14
N LYS A 163 -1.18 17.78 -12.84
CA LYS A 163 -1.02 18.31 -11.49
C LYS A 163 -2.33 18.93 -11.00
N ASP A 164 -2.56 18.81 -9.70
CA ASP A 164 -3.68 19.45 -9.03
C ASP A 164 -5.03 19.01 -9.61
N TYR A 165 -5.49 17.82 -9.24
CA TYR A 165 -6.80 17.35 -9.62
C TYR A 165 -7.40 16.53 -8.48
N PHE A 166 -8.67 16.19 -8.62
CA PHE A 166 -9.40 15.48 -7.57
C PHE A 166 -10.79 15.15 -8.09
N PRO A 167 -11.31 13.93 -7.85
CA PRO A 167 -10.71 12.80 -7.12
C PRO A 167 -9.63 12.04 -7.91
N GLU A 168 -9.32 10.83 -7.44
CA GLU A 168 -8.14 10.10 -7.91
C GLU A 168 -8.18 9.77 -9.39
N PRO A 169 -9.20 9.09 -9.92
CA PRO A 169 -9.04 8.44 -11.23
C PRO A 169 -8.76 9.43 -12.35
N VAL A 170 -7.63 9.24 -13.02
CA VAL A 170 -7.30 9.97 -14.24
C VAL A 170 -6.46 9.06 -15.12
N THR A 171 -6.70 9.12 -16.44
CA THR A 171 -6.01 8.29 -17.40
C THR A 171 -5.22 9.16 -18.38
N VAL A 172 -4.13 8.60 -18.88
CA VAL A 172 -3.24 9.32 -19.78
C VAL A 172 -2.81 8.38 -20.91
N SER A 173 -2.88 8.87 -22.14
CA SER A 173 -2.37 8.17 -23.31
C SER A 173 -1.48 9.12 -24.09
N TRP A 174 -0.98 8.64 -25.23
CA TRP A 174 -0.08 9.44 -26.05
C TRP A 174 -0.46 9.31 -27.52
N ASN A 175 -0.64 10.46 -28.18
CA ASN A 175 -1.02 10.50 -29.60
C ASN A 175 -2.31 9.72 -29.83
N SER A 176 -3.30 9.98 -28.97
CA SER A 176 -4.61 9.33 -29.03
C SER A 176 -4.51 7.81 -28.91
N GLY A 177 -3.40 7.32 -28.36
CA GLY A 177 -3.20 5.89 -28.19
C GLY A 177 -2.21 5.27 -29.15
N ALA A 178 -1.62 6.06 -30.05
CA ALA A 178 -0.70 5.51 -31.04
C ALA A 178 0.59 5.03 -30.38
N LEU A 179 1.08 5.76 -29.38
CA LEU A 179 2.38 5.49 -28.77
C LEU A 179 2.19 4.72 -27.47
N THR A 180 2.89 3.59 -27.35
CA THR A 180 2.77 2.74 -26.17
C THR A 180 4.09 2.08 -25.77
N SER A 181 5.17 2.25 -26.53
CA SER A 181 6.45 1.63 -26.23
C SER A 181 7.33 2.62 -25.50
N GLY A 182 7.92 2.18 -24.39
CA GLY A 182 8.77 3.04 -23.59
C GLY A 182 8.05 4.07 -22.78
N VAL A 183 6.73 3.96 -22.64
CA VAL A 183 5.92 4.93 -21.90
C VAL A 183 5.76 4.45 -20.47
N HIS A 184 5.79 5.39 -19.52
CA HIS A 184 5.60 5.09 -18.10
C HIS A 184 4.67 6.14 -17.52
N THR A 185 3.56 5.69 -16.94
CA THR A 185 2.62 6.56 -16.23
C THR A 185 2.73 6.22 -14.75
N PHE A 186 3.30 7.13 -13.97
CA PHE A 186 3.55 6.87 -12.57
C PHE A 186 2.25 6.96 -11.76
N PRO A 187 2.16 6.23 -10.64
CA PRO A 187 0.96 6.33 -9.80
C PRO A 187 0.76 7.75 -9.28
N ALA A 188 -0.50 8.08 -9.02
CA ALA A 188 -0.83 9.40 -8.48
C ALA A 188 -0.23 9.56 -7.09
N VAL A 189 0.13 10.81 -6.77
CA VAL A 189 0.66 11.18 -5.47
C VAL A 189 -0.27 12.20 -4.87
N LEU A 190 -0.63 12.01 -3.59
CA LEU A 190 -1.46 12.96 -2.87
C LEU A 190 -0.57 14.04 -2.28
N GLN A 191 -0.90 15.30 -2.57
CA GLN A 191 -0.12 16.44 -2.15
C GLN A 191 -0.67 17.05 -0.87
N SER A 192 0.16 17.86 -0.21
CA SER A 192 -0.25 18.51 1.03
C SER A 192 -1.56 19.28 0.88
N SER A 193 -1.90 19.70 -0.34
CA SER A 193 -3.12 20.47 -0.57
C SER A 193 -4.36 19.59 -0.69
N GLY A 194 -4.22 18.27 -0.59
CA GLY A 194 -5.34 17.37 -0.76
C GLY A 194 -5.63 17.02 -2.21
N LEU A 195 -4.90 17.59 -3.17
CA LEU A 195 -5.05 17.28 -4.57
C LEU A 195 -3.97 16.30 -5.01
N TYR A 196 -4.26 15.58 -6.10
CA TYR A 196 -3.36 14.55 -6.60
C TYR A 196 -2.51 15.09 -7.75
N SER A 197 -1.47 14.33 -8.08
CA SER A 197 -0.52 14.74 -9.11
C SER A 197 0.28 13.53 -9.56
N LEU A 198 0.37 13.32 -10.87
CA LEU A 198 1.19 12.26 -11.44
C LEU A 198 1.92 12.79 -12.66
N SER A 199 2.83 11.98 -13.18
CA SER A 199 3.62 12.34 -14.35
C SER A 199 3.62 11.16 -15.32
N SER A 200 3.50 11.48 -16.62
CA SER A 200 3.54 10.47 -17.68
C SER A 200 4.69 10.82 -18.61
N VAL A 201 5.67 9.93 -18.69
CA VAL A 201 6.88 10.17 -19.46
C VAL A 201 7.08 9.04 -20.45
N VAL A 202 7.84 9.32 -21.50
CA VAL A 202 8.11 8.35 -22.56
C VAL A 202 9.50 8.61 -23.11
N THR A 203 10.20 7.52 -23.45
CA THR A 203 11.53 7.59 -24.03
C THR A 203 11.43 7.38 -25.54
N VAL A 204 12.14 8.21 -26.29
CA VAL A 204 12.14 8.15 -27.75
C VAL A 204 13.53 8.52 -28.26
N PRO A 205 13.84 8.21 -29.50
CA PRO A 205 15.18 8.50 -30.01
C PRO A 205 15.33 9.98 -30.31
N SER A 206 16.49 10.52 -29.94
CA SER A 206 16.74 11.96 -30.10
C SER A 206 16.72 12.39 -31.55
N SER A 207 16.76 11.46 -32.51
CA SER A 207 16.72 11.82 -33.92
C SER A 207 15.31 12.05 -34.44
N SER A 208 14.28 11.84 -33.61
CA SER A 208 12.90 12.04 -34.01
C SER A 208 12.32 13.36 -33.52
N LEU A 209 13.10 14.16 -32.79
CA LEU A 209 12.62 15.43 -32.28
C LEU A 209 12.54 16.45 -33.42
N GLY A 210 11.52 17.31 -33.37
CA GLY A 210 11.25 18.24 -34.44
C GLY A 210 10.49 17.65 -35.60
N THR A 211 10.49 16.32 -35.76
CA THR A 211 9.72 15.65 -36.79
C THR A 211 8.45 15.08 -36.19
N GLN A 212 8.59 14.06 -35.35
CA GLN A 212 7.45 13.45 -34.69
C GLN A 212 6.76 14.45 -33.77
N THR A 213 5.43 14.46 -33.80
CA THR A 213 4.63 15.29 -32.93
C THR A 213 4.07 14.42 -31.81
N TYR A 214 4.34 14.82 -30.56
CA TYR A 214 3.92 14.07 -29.39
C TYR A 214 2.83 14.85 -28.65
N ILE A 215 1.70 14.19 -28.43
CA ILE A 215 0.56 14.77 -27.72
C ILE A 215 0.08 13.76 -26.69
N CYS A 216 0.00 14.19 -25.44
CA CYS A 216 -0.50 13.35 -24.35
C CYS A 216 -1.96 13.69 -24.11
N ASN A 217 -2.81 12.67 -24.13
CA ASN A 217 -4.25 12.83 -23.95
C ASN A 217 -4.59 12.54 -22.49
N VAL A 218 -5.11 13.54 -21.79
CA VAL A 218 -5.46 13.42 -20.38
C VAL A 218 -6.98 13.41 -20.27
N ASN A 219 -7.51 12.42 -19.56
CA ASN A 219 -8.95 12.28 -19.36
C ASN A 219 -9.22 12.14 -17.88
N HIS A 220 -9.93 13.11 -17.31
CA HIS A 220 -10.33 13.09 -15.91
C HIS A 220 -11.86 13.12 -15.88
N LYS A 221 -12.46 11.92 -15.93
CA LYS A 221 -13.91 11.83 -16.02
C LYS A 221 -14.63 12.49 -14.85
N PRO A 222 -14.17 12.39 -13.60
CA PRO A 222 -14.91 13.01 -12.49
C PRO A 222 -15.28 14.47 -12.74
N SER A 223 -14.31 15.30 -13.14
CA SER A 223 -14.60 16.68 -13.49
C SER A 223 -15.11 16.82 -14.93
N ASN A 224 -15.05 15.76 -15.73
CA ASN A 224 -15.55 15.78 -17.10
C ASN A 224 -14.71 16.73 -17.96
N THR A 225 -13.39 16.57 -17.87
CA THR A 225 -12.45 17.42 -18.60
C THR A 225 -11.46 16.54 -19.36
N LYS A 226 -11.26 16.89 -20.63
CA LYS A 226 -10.28 16.23 -21.49
C LYS A 226 -9.29 17.27 -21.97
N VAL A 227 -8.01 16.89 -22.07
CA VAL A 227 -6.96 17.79 -22.51
C VAL A 227 -6.02 17.06 -23.45
N ASP A 228 -5.55 17.76 -24.47
CA ASP A 228 -4.53 17.26 -25.39
C ASP A 228 -3.40 18.27 -25.40
N LYS A 229 -2.28 17.92 -24.77
CA LYS A 229 -1.14 18.81 -24.63
C LYS A 229 -0.02 18.34 -25.55
N ARG A 230 0.45 19.24 -26.41
CA ARG A 230 1.59 18.98 -27.27
C ARG A 230 2.85 19.45 -26.57
N VAL A 231 3.76 18.52 -26.30
CA VAL A 231 5.02 18.84 -25.64
C VAL A 231 6.09 19.04 -26.70
N GLU A 232 6.79 20.17 -26.63
CA GLU A 232 7.81 20.50 -27.60
C GLU A 232 9.18 20.57 -26.94
N PRO A 233 10.26 20.33 -27.68
CA PRO A 233 11.60 20.40 -27.08
C PRO A 233 11.91 21.81 -26.57
N LYS A 234 12.52 21.86 -25.39
CA LYS A 234 12.95 23.11 -24.77
C LYS A 234 14.46 23.10 -24.63
N SER A 235 15.07 24.28 -24.73
CA SER A 235 16.52 24.39 -24.59
C SER A 235 16.90 24.63 -23.14
N ASP B 1 4.24 -0.90 24.43
CA ASP B 1 3.65 -1.65 23.27
C ASP B 1 4.71 -2.46 22.55
N ILE B 2 4.26 -3.40 21.72
CA ILE B 2 5.14 -4.30 20.98
C ILE B 2 5.26 -3.79 19.56
N GLN B 3 6.50 -3.61 19.10
CA GLN B 3 6.78 -3.30 17.71
C GLN B 3 7.27 -4.56 16.99
N MET B 4 7.12 -4.54 15.67
CA MET B 4 7.54 -5.65 14.83
C MET B 4 8.39 -5.11 13.69
N THR B 5 9.59 -5.67 13.54
CA THR B 5 10.49 -5.33 12.45
C THR B 5 10.50 -6.49 11.45
N GLN B 6 10.88 -6.19 10.21
CA GLN B 6 10.84 -7.18 9.15
C GLN B 6 12.00 -6.94 8.20
N SER B 7 12.22 -7.92 7.32
CA SER B 7 13.33 -7.88 6.37
C SER B 7 13.19 -6.69 5.43
N PRO B 8 14.25 -6.31 4.71
CA PRO B 8 14.13 -5.19 3.76
C PRO B 8 12.92 -5.34 2.85
N SER B 9 12.42 -4.20 2.37
CA SER B 9 11.16 -4.16 1.65
C SER B 9 11.19 -5.06 0.41
N PRO B 10 11.98 -4.75 -0.64
CA PRO B 10 12.09 -5.70 -1.75
C PRO B 10 13.29 -6.60 -1.63
N LEU B 11 13.08 -7.87 -1.30
CA LEU B 11 14.13 -8.89 -1.37
C LEU B 11 13.98 -9.67 -2.67
N SER B 12 15.10 -9.88 -3.34
CA SER B 12 15.10 -10.47 -4.68
C SER B 12 15.26 -11.98 -4.62
N ALA B 13 14.52 -12.68 -5.46
CA ALA B 13 14.57 -14.13 -5.51
C ALA B 13 14.03 -14.60 -6.86
N SER B 14 14.59 -15.68 -7.36
CA SER B 14 14.15 -16.29 -8.61
C SER B 14 13.32 -17.54 -8.31
N VAL B 15 12.62 -18.01 -9.35
CA VAL B 15 11.77 -19.18 -9.19
C VAL B 15 12.63 -20.37 -8.77
N GLY B 16 12.07 -21.21 -7.90
CA GLY B 16 12.79 -22.37 -7.40
C GLY B 16 13.93 -22.01 -6.46
N ASP B 17 13.74 -20.99 -5.63
CA ASP B 17 14.77 -20.55 -4.69
C ASP B 17 14.17 -20.48 -3.29
N THR B 18 15.01 -20.75 -2.30
CA THR B 18 14.59 -20.73 -0.89
C THR B 18 14.85 -19.33 -0.32
N VAL B 19 13.80 -18.73 0.25
CA VAL B 19 13.87 -17.40 0.80
C VAL B 19 13.43 -17.43 2.26
N THR B 20 13.92 -16.45 3.02
CA THR B 20 13.60 -16.34 4.44
C THR B 20 13.28 -14.88 4.76
N ILE B 21 12.36 -14.70 5.71
CA ILE B 21 11.93 -13.36 6.14
C ILE B 21 12.00 -13.32 7.66
N THR B 22 12.89 -12.49 8.19
CA THR B 22 12.99 -12.32 9.63
C THR B 22 11.89 -11.38 10.13
N CYS B 23 11.48 -11.58 11.38
CA CYS B 23 10.42 -10.78 11.98
C CYS B 23 10.77 -10.49 13.45
N ARG B 24 11.92 -9.84 13.65
CA ARG B 24 12.35 -9.45 14.99
C ARG B 24 11.22 -8.74 15.72
N ALA B 25 11.14 -8.96 17.03
CA ALA B 25 10.12 -8.37 17.89
C ALA B 25 10.77 -7.55 18.99
N SER B 26 10.04 -6.52 19.44
CA SER B 26 10.54 -5.69 20.53
C SER B 26 10.49 -6.43 21.86
N GLN B 27 9.36 -7.05 22.15
CA GLN B 27 9.13 -7.74 23.42
C GLN B 27 9.03 -9.24 23.18
N LYS B 28 9.24 -10.01 24.23
CA LYS B 28 9.10 -11.45 24.13
C LYS B 28 7.63 -11.81 23.98
N ILE B 29 7.31 -12.58 22.93
CA ILE B 29 5.94 -12.94 22.62
C ILE B 29 5.75 -14.45 22.55
N SER B 30 6.66 -15.21 23.16
CA SER B 30 6.61 -16.67 23.10
C SER B 30 6.45 -17.15 21.67
N ASP B 31 5.26 -17.61 21.30
CA ASP B 31 5.01 -18.06 19.93
C ASP B 31 3.66 -17.54 19.43
N TYR B 32 3.24 -16.38 19.91
CA TYR B 32 1.96 -15.78 19.50
C TYR B 32 2.22 -14.92 18.27
N LEU B 33 2.41 -15.58 17.14
CA LEU B 33 2.76 -14.92 15.89
C LEU B 33 1.95 -15.52 14.74
N ASN B 34 1.64 -14.68 13.77
CA ASN B 34 0.96 -15.11 12.55
C ASN B 34 1.69 -14.57 11.33
N TRP B 35 1.47 -15.21 10.19
CA TRP B 35 2.00 -14.76 8.91
C TRP B 35 0.87 -14.70 7.90
N TYR B 36 0.82 -13.61 7.13
CA TYR B 36 -0.18 -13.43 6.09
C TYR B 36 0.50 -13.15 4.76
N GLN B 37 -0.31 -13.17 3.70
CA GLN B 37 0.12 -12.68 2.40
C GLN B 37 -1.07 -12.04 1.70
N GLN B 38 -0.77 -11.03 0.88
CA GLN B 38 -1.76 -10.46 -0.03
C GLN B 38 -1.10 -10.27 -1.38
N LYS B 39 -1.68 -10.86 -2.41
CA LYS B 39 -1.20 -10.68 -3.76
C LYS B 39 -1.43 -9.23 -4.20
N PRO B 40 -0.74 -8.77 -5.27
CA PRO B 40 -0.69 -7.33 -5.56
C PRO B 40 -2.01 -6.57 -5.39
N GLY B 41 -3.12 -7.15 -5.82
CA GLY B 41 -4.41 -6.48 -5.70
C GLY B 41 -5.54 -7.38 -5.25
N ARG B 42 -5.32 -8.12 -4.17
CA ARG B 42 -6.31 -9.05 -3.65
C ARG B 42 -6.33 -8.97 -2.13
N ALA B 43 -7.33 -9.60 -1.53
CA ALA B 43 -7.47 -9.57 -0.08
C ALA B 43 -6.37 -10.43 0.57
N PRO B 44 -5.89 -10.03 1.74
CA PRO B 44 -4.88 -10.85 2.43
C PRO B 44 -5.40 -12.23 2.77
N LYS B 45 -4.47 -13.18 2.89
CA LYS B 45 -4.78 -14.56 3.24
C LYS B 45 -3.87 -15.00 4.38
N ILE B 46 -4.39 -15.90 5.21
CA ILE B 46 -3.62 -16.46 6.32
C ILE B 46 -2.73 -17.58 5.82
N LEU B 47 -1.50 -17.64 6.33
CA LEU B 47 -0.57 -18.71 6.00
C LEU B 47 -0.16 -19.50 7.23
N ILE B 48 0.50 -18.87 8.20
CA ILE B 48 1.01 -19.54 9.39
C ILE B 48 0.49 -18.81 10.62
N TYR B 49 -0.03 -19.56 11.59
CA TYR B 49 -0.42 -19.02 12.88
C TYR B 49 0.30 -19.78 13.98
N ALA B 50 0.31 -19.20 15.18
CA ALA B 50 1.03 -19.76 16.31
C ALA B 50 2.49 -20.02 15.98
N ALA B 51 3.05 -19.19 15.10
CA ALA B 51 4.47 -19.22 14.74
C ALA B 51 4.83 -20.37 13.80
N SER B 52 4.20 -21.53 13.98
CA SER B 52 4.58 -22.72 13.21
C SER B 52 3.39 -23.38 12.53
N LYS B 53 2.21 -23.27 13.13
CA LYS B 53 1.04 -23.99 12.62
C LYS B 53 0.64 -23.47 11.24
N LEU B 54 0.31 -24.39 10.35
CA LEU B 54 0.01 -24.07 8.95
C LEU B 54 -1.50 -24.03 8.74
N GLY B 55 -1.97 -22.97 8.08
CA GLY B 55 -3.40 -22.81 7.88
C GLY B 55 -3.94 -23.78 6.84
N SER B 56 -5.22 -24.11 6.99
CA SER B 56 -5.87 -25.03 6.07
C SER B 56 -5.89 -24.44 4.67
N GLY B 57 -5.51 -25.26 3.69
CA GLY B 57 -5.44 -24.82 2.31
C GLY B 57 -4.12 -24.19 1.90
N VAL B 58 -3.18 -24.06 2.82
CA VAL B 58 -1.88 -23.44 2.53
C VAL B 58 -0.94 -24.50 1.98
N PRO B 59 -0.22 -24.24 0.89
CA PRO B 59 0.77 -25.22 0.41
C PRO B 59 1.83 -25.49 1.46
N SER B 60 2.41 -26.69 1.41
CA SER B 60 3.38 -27.13 2.40
C SER B 60 4.76 -26.52 2.19
N ARG B 61 4.97 -25.72 1.14
CA ARG B 61 6.27 -25.09 0.95
C ARG B 61 6.51 -24.00 1.98
N PHE B 62 5.44 -23.38 2.50
CA PHE B 62 5.57 -22.36 3.53
C PHE B 62 5.83 -23.01 4.88
N SER B 63 6.76 -22.43 5.64
CA SER B 63 7.13 -22.98 6.94
C SER B 63 7.60 -21.84 7.84
N GLY B 64 7.03 -21.77 9.03
CA GLY B 64 7.39 -20.75 10.01
C GLY B 64 8.00 -21.37 11.24
N SER B 65 8.86 -20.62 11.90
CA SER B 65 9.55 -21.09 13.09
C SER B 65 9.99 -19.88 13.91
N GLY B 66 10.36 -20.16 15.16
CA GLY B 66 10.82 -19.13 16.07
C GLY B 66 10.06 -19.12 17.38
N TYR B 67 10.67 -18.55 18.42
CA TYR B 67 10.03 -18.47 19.72
C TYR B 67 10.62 -17.29 20.48
N GLY B 68 9.77 -16.56 21.19
CA GLY B 68 10.21 -15.46 22.02
C GLY B 68 10.30 -14.13 21.30
N ARG B 69 11.34 -13.96 20.47
CA ARG B 69 11.65 -12.66 19.92
C ARG B 69 12.11 -12.67 18.46
N ASP B 70 12.66 -13.78 17.95
CA ASP B 70 13.13 -13.86 16.57
C ASP B 70 12.32 -14.93 15.84
N PHE B 71 11.74 -14.56 14.70
CA PHE B 71 10.86 -15.45 13.95
C PHE B 71 11.24 -15.41 12.47
N THR B 72 10.84 -16.46 11.76
CA THR B 72 11.24 -16.65 10.38
C THR B 72 10.08 -17.24 9.57
N LEU B 73 9.99 -16.85 8.32
CA LEU B 73 9.09 -17.44 7.34
C LEU B 73 9.91 -17.91 6.16
N THR B 74 9.82 -19.20 5.83
CA THR B 74 10.60 -19.81 4.77
C THR B 74 9.68 -20.32 3.68
N ILE B 75 10.06 -20.09 2.43
CA ILE B 75 9.34 -20.60 1.26
C ILE B 75 10.38 -21.37 0.44
N THR B 76 10.43 -22.68 0.65
CA THR B 76 11.45 -23.51 0.01
C THR B 76 11.34 -23.43 -1.51
N GLY B 77 10.32 -24.03 -2.08
CA GLY B 77 10.12 -24.02 -3.52
C GLY B 77 9.34 -22.80 -3.98
N LEU B 78 10.04 -21.77 -4.44
CA LEU B 78 9.39 -20.54 -4.85
C LEU B 78 8.63 -20.76 -6.17
N GLN B 79 7.37 -20.33 -6.19
CA GLN B 79 6.52 -20.43 -7.36
C GLN B 79 6.03 -19.03 -7.75
N PRO B 80 5.68 -18.83 -9.03
CA PRO B 80 5.35 -17.45 -9.45
C PRO B 80 4.09 -16.91 -8.82
N GLU B 81 3.10 -17.75 -8.53
CA GLU B 81 1.83 -17.28 -7.99
C GLU B 81 2.03 -16.57 -6.65
N ASP B 82 2.93 -17.09 -5.83
CA ASP B 82 3.17 -16.53 -4.49
C ASP B 82 4.20 -15.41 -4.50
N PHE B 83 4.21 -14.59 -5.56
CA PHE B 83 5.00 -13.36 -5.58
C PHE B 83 4.11 -12.25 -5.03
N ALA B 84 4.28 -11.91 -3.75
CA ALA B 84 3.39 -10.98 -3.08
C ALA B 84 4.13 -10.38 -1.90
N THR B 85 3.37 -9.73 -1.01
CA THR B 85 3.89 -9.18 0.23
C THR B 85 3.45 -10.06 1.40
N TYR B 86 4.32 -10.17 2.41
CA TYR B 86 4.07 -11.00 3.57
C TYR B 86 4.20 -10.16 4.84
N TYR B 87 3.21 -10.29 5.73
CA TYR B 87 3.19 -9.56 6.99
C TYR B 87 3.18 -10.55 8.15
N CYS B 88 3.99 -10.29 9.16
CA CYS B 88 3.91 -11.00 10.42
C CYS B 88 3.15 -10.14 11.43
N GLN B 89 2.45 -10.80 12.34
CA GLN B 89 1.55 -10.13 13.26
C GLN B 89 1.78 -10.63 14.69
N GLU B 90 1.71 -9.71 15.64
CA GLU B 90 1.79 -10.04 17.05
C GLU B 90 0.40 -10.38 17.58
N ALA B 91 0.35 -11.34 18.50
CA ALA B 91 -0.92 -11.73 19.12
C ALA B 91 -0.73 -12.11 20.59
N TYR B 92 0.20 -11.46 21.28
CA TYR B 92 0.59 -11.84 22.63
C TYR B 92 -0.06 -10.97 23.70
N SER B 93 -0.24 -9.69 23.43
CA SER B 93 -0.77 -8.77 24.43
C SER B 93 -2.07 -9.29 25.03
N SER B 94 -2.15 -9.27 26.36
CA SER B 94 -3.42 -9.55 27.02
C SER B 94 -4.50 -8.58 26.56
N THR B 95 -4.16 -7.29 26.52
CA THR B 95 -5.00 -6.30 25.86
C THR B 95 -4.63 -6.28 24.39
N PRO B 96 -5.52 -6.67 23.47
CA PRO B 96 -5.10 -6.90 22.09
C PRO B 96 -4.63 -5.63 21.41
N THR B 97 -3.41 -5.67 20.87
CA THR B 97 -2.91 -4.63 19.97
C THR B 97 -2.78 -5.13 18.54
N LEU B 98 -2.45 -6.40 18.35
CA LEU B 98 -2.43 -7.04 17.04
C LEU B 98 -1.70 -6.19 16.01
N THR B 99 -0.52 -5.71 16.42
CA THR B 99 0.28 -4.87 15.53
C THR B 99 0.85 -5.71 14.39
N PHE B 100 0.71 -5.22 13.17
CA PHE B 100 1.22 -5.91 11.99
C PHE B 100 2.68 -5.53 11.74
N GLY B 101 3.35 -6.36 10.95
CA GLY B 101 4.67 -6.04 10.49
C GLY B 101 4.65 -5.02 9.36
N GLN B 102 5.80 -4.41 9.12
CA GLN B 102 5.92 -3.42 8.06
C GLN B 102 5.62 -4.02 6.69
N GLY B 103 5.86 -5.32 6.52
CA GLY B 103 5.65 -5.98 5.25
C GLY B 103 6.95 -6.24 4.51
N THR B 104 6.91 -7.20 3.59
CA THR B 104 8.08 -7.56 2.80
C THR B 104 7.60 -7.99 1.43
N ARG B 105 7.94 -7.20 0.41
CA ARG B 105 7.60 -7.53 -0.97
C ARG B 105 8.64 -8.47 -1.55
N LEU B 106 8.21 -9.28 -2.52
CA LEU B 106 9.10 -10.22 -3.21
C LEU B 106 9.44 -9.66 -4.58
N ASP B 107 10.72 -9.38 -4.79
CA ASP B 107 11.20 -8.79 -6.03
C ASP B 107 11.69 -9.88 -6.96
N LEU B 108 11.33 -9.78 -8.24
CA LEU B 108 11.76 -10.74 -9.24
C LEU B 108 13.23 -10.50 -9.57
N LYS B 109 14.06 -11.53 -9.41
CA LYS B 109 15.49 -11.37 -9.60
C LYS B 109 15.82 -11.04 -11.05
N ARG B 110 16.85 -10.22 -11.23
CA ARG B 110 17.24 -9.74 -12.55
C ARG B 110 18.67 -9.23 -12.48
N THR B 111 19.34 -9.24 -13.62
CA THR B 111 20.67 -8.64 -13.70
C THR B 111 20.62 -7.18 -13.27
N VAL B 112 21.62 -6.77 -12.48
CA VAL B 112 21.65 -5.40 -11.98
C VAL B 112 21.73 -4.43 -13.15
N ALA B 113 20.92 -3.38 -13.11
CA ALA B 113 20.87 -2.39 -14.16
C ALA B 113 20.88 -0.99 -13.54
N ALA B 114 21.75 -0.13 -14.07
CA ALA B 114 21.84 1.23 -13.57
C ALA B 114 20.76 2.11 -14.20
N PRO B 115 20.29 3.12 -13.49
CA PRO B 115 19.19 3.95 -14.01
C PRO B 115 19.66 5.01 -15.00
N SER B 116 18.75 5.37 -15.90
CA SER B 116 18.95 6.49 -16.82
C SER B 116 18.37 7.73 -16.16
N VAL B 117 19.24 8.69 -15.85
CA VAL B 117 18.85 9.88 -15.11
C VAL B 117 18.42 10.96 -16.09
N PHE B 118 17.28 11.59 -15.82
CA PHE B 118 16.81 12.73 -16.60
C PHE B 118 16.25 13.77 -15.64
N ILE B 119 16.11 14.99 -16.14
CA ILE B 119 15.60 16.09 -15.33
C ILE B 119 14.90 17.08 -16.25
N PHE B 120 13.72 17.54 -15.82
CA PHE B 120 12.90 18.46 -16.62
C PHE B 120 12.64 19.71 -15.80
N PRO B 121 13.00 20.90 -16.28
CA PRO B 121 12.69 22.12 -15.53
C PRO B 121 11.21 22.46 -15.64
N PRO B 122 10.73 23.44 -14.87
CA PRO B 122 9.31 23.79 -14.92
C PRO B 122 8.97 24.57 -16.18
N SER B 123 7.78 24.30 -16.71
CA SER B 123 7.34 24.97 -17.93
C SER B 123 6.99 26.42 -17.63
N ASP B 124 7.21 27.28 -18.63
CA ASP B 124 6.82 28.68 -18.51
C ASP B 124 5.33 28.83 -18.27
N GLU B 125 4.52 27.85 -18.70
CA GLU B 125 3.09 27.88 -18.41
C GLU B 125 2.83 27.77 -16.91
N GLN B 126 3.49 26.81 -16.26
CA GLN B 126 3.29 26.63 -14.82
C GLN B 126 3.85 27.81 -14.04
N LEU B 127 5.02 28.33 -14.45
CA LEU B 127 5.60 29.48 -13.77
C LEU B 127 4.62 30.64 -13.73
N LYS B 128 3.92 30.88 -14.84
CA LYS B 128 2.91 31.93 -14.86
C LYS B 128 1.82 31.67 -13.83
N SER B 129 1.58 30.40 -13.49
CA SER B 129 0.56 30.06 -12.50
C SER B 129 1.01 30.35 -11.07
N GLY B 130 2.29 30.61 -10.85
CA GLY B 130 2.79 30.92 -9.52
C GLY B 130 3.44 29.75 -8.79
N THR B 131 3.57 28.60 -9.44
CA THR B 131 4.20 27.43 -8.85
C THR B 131 5.26 26.90 -9.80
N ALA B 132 6.20 26.14 -9.25
CA ALA B 132 7.27 25.54 -10.03
C ALA B 132 7.45 24.09 -9.61
N SER B 133 7.62 23.22 -10.60
CA SER B 133 7.83 21.79 -10.37
C SER B 133 9.04 21.35 -11.18
N VAL B 134 10.03 20.78 -10.48
CA VAL B 134 11.20 20.17 -11.11
C VAL B 134 11.11 18.67 -10.89
N VAL B 135 11.19 17.91 -11.96
CA VAL B 135 11.06 16.46 -11.88
C VAL B 135 12.36 15.80 -12.33
N CYS B 136 12.67 14.67 -11.71
CA CYS B 136 13.87 13.90 -12.00
C CYS B 136 13.47 12.46 -12.23
N LEU B 137 13.87 11.91 -13.38
CA LEU B 137 13.38 10.62 -13.85
C LEU B 137 14.49 9.57 -13.79
N LEU B 138 14.21 8.45 -13.12
CA LEU B 138 15.04 7.26 -13.18
C LEU B 138 14.28 6.18 -13.94
N ASN B 139 14.89 5.62 -14.97
CA ASN B 139 14.21 4.71 -15.86
C ASN B 139 15.03 3.44 -16.08
N ASN B 140 14.35 2.30 -16.08
CA ASN B 140 14.97 1.01 -16.37
C ASN B 140 16.16 0.76 -15.47
N PHE B 141 15.92 0.28 -14.26
CA PHE B 141 17.01 -0.03 -13.34
C PHE B 141 16.58 -1.14 -12.40
N TYR B 142 17.55 -1.65 -11.66
CA TYR B 142 17.35 -2.73 -10.71
C TYR B 142 18.59 -2.84 -9.84
N PRO B 143 18.46 -3.05 -8.51
CA PRO B 143 17.23 -3.26 -7.74
C PRO B 143 16.44 -1.99 -7.43
N ARG B 144 15.36 -2.15 -6.68
CA ARG B 144 14.48 -1.04 -6.35
C ARG B 144 15.22 0.04 -5.55
N GLU B 145 16.12 -0.37 -4.66
CA GLU B 145 16.79 0.57 -3.77
C GLU B 145 17.43 1.71 -4.55
N ALA B 146 17.03 2.93 -4.22
CA ALA B 146 17.57 4.12 -4.89
C ALA B 146 17.20 5.39 -4.13
N LYS B 147 18.17 6.28 -3.93
CA LYS B 147 17.97 7.52 -3.20
C LYS B 147 18.14 8.71 -4.14
N VAL B 148 17.32 9.73 -3.93
CA VAL B 148 17.33 10.95 -4.74
C VAL B 148 17.35 12.13 -3.80
N GLN B 149 18.38 12.98 -3.94
CA GLN B 149 18.52 14.19 -3.15
C GLN B 149 18.48 15.41 -4.06
N TRP B 150 17.67 16.40 -3.68
CA TRP B 150 17.57 17.65 -4.41
C TRP B 150 18.49 18.69 -3.79
N LYS B 151 19.24 19.40 -4.63
CA LYS B 151 20.11 20.48 -4.17
C LYS B 151 19.84 21.72 -4.99
N VAL B 152 19.60 22.84 -4.30
CA VAL B 152 19.35 24.12 -4.93
C VAL B 152 20.42 25.08 -4.42
N ASP B 153 21.33 25.49 -5.32
CA ASP B 153 22.47 26.31 -4.93
C ASP B 153 23.26 25.65 -3.81
N ASN B 154 23.60 24.39 -4.02
CA ASN B 154 24.39 23.61 -3.06
C ASN B 154 23.70 23.53 -1.70
N ALA B 155 22.37 23.57 -1.69
CA ALA B 155 21.58 23.50 -0.46
C ALA B 155 20.61 22.34 -0.59
N LEU B 156 20.73 21.36 0.30
CA LEU B 156 19.89 20.17 0.23
C LEU B 156 18.46 20.51 0.64
N GLN B 157 17.51 20.07 -0.18
CA GLN B 157 16.09 20.26 0.07
C GLN B 157 15.50 18.98 0.63
N SER B 158 14.62 19.12 1.62
CA SER B 158 13.90 17.98 2.18
C SER B 158 12.54 18.43 2.65
N GLY B 159 11.53 17.57 2.44
CA GLY B 159 10.18 17.85 2.85
C GLY B 159 9.31 18.48 1.78
N ASN B 160 9.91 19.02 0.72
CA ASN B 160 9.15 19.67 -0.35
C ASN B 160 9.24 18.88 -1.66
N SER B 161 9.53 17.59 -1.59
CA SER B 161 9.58 16.73 -2.76
C SER B 161 8.83 15.44 -2.48
N GLN B 162 8.30 14.84 -3.53
CA GLN B 162 7.57 13.59 -3.43
C GLN B 162 8.05 12.64 -4.52
N GLU B 163 7.95 11.34 -4.24
CA GLU B 163 8.46 10.31 -5.12
C GLU B 163 7.34 9.35 -5.50
N SER B 164 7.45 8.77 -6.69
CA SER B 164 6.47 7.82 -7.20
C SER B 164 7.19 6.77 -8.03
N VAL B 165 6.94 5.50 -7.71
CA VAL B 165 7.64 4.38 -8.34
C VAL B 165 6.63 3.50 -9.05
N THR B 166 7.09 2.89 -10.14
CA THR B 166 6.29 1.93 -10.90
C THR B 166 6.65 0.51 -10.49
N GLU B 167 5.77 -0.42 -10.84
CA GLU B 167 6.06 -1.83 -10.60
C GLU B 167 6.98 -2.37 -11.70
N GLN B 168 7.49 -3.57 -11.48
CA GLN B 168 8.34 -4.22 -12.46
C GLN B 168 7.61 -4.36 -13.79
N ASP B 169 8.32 -4.09 -14.88
CA ASP B 169 7.75 -4.29 -16.21
C ASP B 169 7.65 -5.78 -16.51
N SER B 170 6.57 -6.17 -17.17
CA SER B 170 6.35 -7.58 -17.46
C SER B 170 7.42 -8.13 -18.39
N LYS B 171 8.03 -7.29 -19.22
CA LYS B 171 8.96 -7.75 -20.24
C LYS B 171 10.40 -7.81 -19.72
N ASP B 172 10.87 -6.73 -19.08
CA ASP B 172 12.25 -6.64 -18.61
C ASP B 172 12.37 -6.52 -17.10
N SER B 173 11.26 -6.39 -16.38
CA SER B 173 11.26 -6.42 -14.91
C SER B 173 12.23 -5.40 -14.33
N THR B 174 12.09 -4.14 -14.76
CA THR B 174 12.85 -3.05 -14.21
C THR B 174 11.90 -2.01 -13.63
N TYR B 175 12.45 -1.16 -12.77
CA TYR B 175 11.67 -0.13 -12.09
C TYR B 175 11.89 1.22 -12.77
N SER B 176 11.08 2.20 -12.35
CA SER B 176 11.20 3.56 -12.83
C SER B 176 10.68 4.50 -11.75
N LEU B 177 11.47 5.49 -11.38
CA LEU B 177 11.15 6.39 -10.28
C LEU B 177 10.95 7.81 -10.80
N SER B 178 10.05 8.54 -10.15
CA SER B 178 9.73 9.92 -10.50
C SER B 178 9.76 10.77 -9.24
N SER B 179 10.74 11.65 -9.15
CA SER B 179 10.89 12.57 -8.02
C SER B 179 10.54 13.97 -8.47
N THR B 180 9.57 14.60 -7.81
CA THR B 180 9.10 15.93 -8.16
C THR B 180 9.39 16.88 -7.01
N LEU B 181 10.15 17.93 -7.31
CA LEU B 181 10.44 18.99 -6.35
C LEU B 181 9.49 20.14 -6.61
N THR B 182 8.66 20.47 -5.61
CA THR B 182 7.71 21.56 -5.71
C THR B 182 8.27 22.79 -5.01
N LEU B 183 8.00 23.95 -5.58
CA LEU B 183 8.58 25.20 -5.08
C LEU B 183 7.81 26.36 -5.69
N SER B 184 7.69 27.44 -4.92
CA SER B 184 7.00 28.63 -5.40
C SER B 184 7.79 29.29 -6.51
N LYS B 185 7.08 30.01 -7.38
CA LYS B 185 7.75 30.71 -8.48
C LYS B 185 8.78 31.70 -7.95
N ALA B 186 8.43 32.44 -6.90
CA ALA B 186 9.35 33.41 -6.35
C ALA B 186 10.61 32.74 -5.80
N ASP B 187 10.43 31.66 -5.04
CA ASP B 187 11.58 30.96 -4.47
C ASP B 187 12.34 30.17 -5.53
N TYR B 188 11.68 29.79 -6.62
CA TYR B 188 12.37 29.11 -7.71
C TYR B 188 13.19 30.08 -8.56
N GLU B 189 12.71 31.30 -8.72
CA GLU B 189 13.36 32.27 -9.60
C GLU B 189 14.54 32.97 -8.94
N LYS B 190 14.77 32.76 -7.65
CA LYS B 190 15.89 33.41 -6.96
C LYS B 190 17.15 32.55 -6.97
N HIS B 191 17.03 31.23 -7.10
CA HIS B 191 18.18 30.35 -7.17
C HIS B 191 18.47 29.96 -8.62
N LYS B 192 19.71 29.57 -8.87
CA LYS B 192 20.18 29.30 -10.23
C LYS B 192 20.31 27.79 -10.48
N VAL B 193 21.26 27.13 -9.82
CA VAL B 193 21.55 25.72 -10.13
C VAL B 193 20.56 24.82 -9.40
N TYR B 194 20.08 23.81 -10.12
CA TYR B 194 19.19 22.80 -9.58
C TYR B 194 19.75 21.43 -9.91
N ALA B 195 20.10 20.66 -8.88
CA ALA B 195 20.76 19.38 -9.06
C ALA B 195 19.89 18.24 -8.53
N CYS B 196 20.05 17.07 -9.16
CA CYS B 196 19.35 15.86 -8.77
C CYS B 196 20.43 14.79 -8.55
N GLU B 197 20.96 14.73 -7.32
CA GLU B 197 21.96 13.73 -6.97
C GLU B 197 21.29 12.39 -6.76
N VAL B 198 21.75 11.37 -7.47
CA VAL B 198 21.16 10.04 -7.43
C VAL B 198 22.23 9.06 -6.97
N THR B 199 21.91 8.28 -5.94
CA THR B 199 22.78 7.21 -5.45
C THR B 199 22.07 5.89 -5.65
N HIS B 200 22.72 4.96 -6.36
CA HIS B 200 22.12 3.68 -6.67
C HIS B 200 23.24 2.65 -6.84
N GLN B 201 22.93 1.40 -6.50
CA GLN B 201 23.85 0.33 -6.82
C GLN B 201 24.04 0.27 -8.34
N GLY B 202 25.06 -0.47 -8.77
CA GLY B 202 25.40 -0.48 -10.17
C GLY B 202 25.96 0.83 -10.69
N LEU B 203 26.17 1.82 -9.82
CA LEU B 203 26.82 3.08 -10.18
C LEU B 203 28.14 3.13 -9.44
N SER B 204 29.25 3.06 -10.18
CA SER B 204 30.57 3.22 -9.58
C SER B 204 30.59 4.43 -8.66
N SER B 205 30.14 5.57 -9.16
CA SER B 205 30.01 6.78 -8.36
C SER B 205 28.63 7.37 -8.58
N PRO B 206 27.99 7.91 -7.55
CA PRO B 206 26.65 8.48 -7.72
C PRO B 206 26.66 9.64 -8.71
N VAL B 207 25.72 9.62 -9.64
CA VAL B 207 25.63 10.62 -10.70
C VAL B 207 24.86 11.82 -10.19
N THR B 208 25.24 13.00 -10.69
CA THR B 208 24.60 14.26 -10.35
C THR B 208 24.21 14.94 -11.65
N LYS B 209 22.92 15.08 -11.91
CA LYS B 209 22.40 15.73 -13.10
C LYS B 209 21.71 17.02 -12.69
N SER B 210 22.11 18.13 -13.32
CA SER B 210 21.64 19.45 -12.92
C SER B 210 21.45 20.32 -14.15
N PHE B 211 21.06 21.57 -13.91
CA PHE B 211 20.87 22.54 -14.99
C PHE B 211 20.85 23.94 -14.38
N ASN B 212 21.37 24.90 -15.14
CA ASN B 212 21.33 26.31 -14.73
C ASN B 212 20.01 26.93 -15.16
N ARG B 213 19.42 27.72 -14.26
CA ARG B 213 18.17 28.40 -14.58
C ARG B 213 18.36 29.45 -15.67
N GLY B 214 19.57 29.99 -15.79
CA GLY B 214 19.82 30.99 -16.83
C GLY B 214 19.92 30.39 -18.21
N GLU B 215 20.36 29.13 -18.31
CA GLU B 215 20.48 28.45 -19.58
C GLU B 215 19.23 27.64 -19.88
N ASN C 4 -26.83 -19.72 8.72
CA ASN C 4 -26.59 -20.96 9.46
C ASN C 4 -27.33 -20.97 10.78
N GLU C 5 -27.40 -19.83 11.46
CA GLU C 5 -28.10 -19.75 12.75
C GLU C 5 -29.56 -20.14 12.61
N GLN C 6 -30.19 -19.79 11.49
CA GLN C 6 -31.60 -20.11 11.31
C GLN C 6 -31.83 -21.61 11.20
N GLU C 7 -30.94 -22.33 10.50
CA GLU C 7 -31.08 -23.76 10.34
C GLU C 7 -30.67 -24.55 11.58
N LEU C 8 -29.85 -23.96 12.46
CA LEU C 8 -29.40 -24.67 13.65
C LEU C 8 -30.51 -24.78 14.68
N LEU C 9 -31.17 -23.66 14.98
CA LEU C 9 -32.26 -23.62 15.95
C LEU C 9 -33.62 -23.80 15.30
N GLU C 10 -33.68 -24.37 14.10
CA GLU C 10 -34.95 -24.49 13.39
C GLU C 10 -35.95 -25.32 14.17
N LEU C 11 -35.49 -26.27 14.97
CA LEU C 11 -36.40 -27.20 15.64
C LEU C 11 -36.17 -27.29 17.14
N ASP C 12 -34.92 -27.32 17.59
CA ASP C 12 -34.61 -27.58 18.99
C ASP C 12 -34.41 -26.26 19.73
N LYS C 13 -35.25 -26.02 20.75
CA LYS C 13 -35.08 -24.85 21.60
C LYS C 13 -33.72 -24.86 22.29
N TRP C 14 -33.36 -26.01 22.86
CA TRP C 14 -32.19 -26.14 23.71
C TRP C 14 -30.90 -26.34 22.94
N ALA C 15 -30.87 -25.98 21.66
CA ALA C 15 -29.66 -26.13 20.86
C ALA C 15 -28.80 -24.87 21.00
N SER C 16 -27.48 -25.07 21.10
CA SER C 16 -26.55 -23.96 21.28
C SER C 16 -25.26 -24.29 20.54
N LEU C 17 -24.43 -23.26 20.39
CA LEU C 17 -23.19 -23.37 19.64
C LEU C 17 -22.00 -23.16 20.55
N TRP C 18 -20.94 -23.91 20.28
CA TRP C 18 -19.67 -23.76 20.97
C TRP C 18 -18.58 -23.43 19.96
N ASN C 19 -17.57 -22.68 20.40
CA ASN C 19 -16.46 -22.32 19.53
C ASN C 19 -15.17 -22.39 20.35
N TRP C 20 -14.08 -22.00 19.71
CA TRP C 20 -12.77 -22.04 20.37
C TRP C 20 -12.80 -21.31 21.71
N PHE C 21 -13.50 -20.17 21.76
CA PHE C 21 -13.46 -19.33 22.95
C PHE C 21 -13.95 -20.09 24.18
N ASP C 22 -15.03 -20.86 24.02
CA ASP C 22 -15.53 -21.65 25.14
C ASP C 22 -14.46 -22.59 25.67
N ILE C 23 -13.76 -23.28 24.76
CA ILE C 23 -12.69 -24.20 25.17
C ILE C 23 -11.69 -23.49 26.07
N THR C 24 -11.24 -22.30 25.65
CA THR C 24 -10.26 -21.57 26.44
C THR C 24 -10.83 -21.21 27.81
N ASN C 25 -12.12 -20.86 27.86
CA ASN C 25 -12.75 -20.57 29.14
C ASN C 25 -12.75 -21.78 30.06
N TRP C 26 -12.87 -22.98 29.49
CA TRP C 26 -12.87 -24.19 30.30
C TRP C 26 -11.48 -24.49 30.84
N LEU C 27 -10.49 -24.57 29.95
CA LEU C 27 -9.12 -24.77 30.39
C LEU C 27 -8.68 -23.71 31.38
N TRP C 28 -9.25 -22.50 31.27
CA TRP C 28 -9.00 -21.48 32.28
C TRP C 28 -9.79 -21.77 33.56
N TYR C 29 -11.03 -22.22 33.41
CA TYR C 29 -11.82 -22.60 34.58
C TYR C 29 -11.19 -23.76 35.33
N ILE C 30 -10.63 -24.73 34.58
CA ILE C 30 -9.93 -25.84 35.22
C ILE C 30 -8.70 -25.33 35.95
N ARG C 31 -7.87 -24.53 35.27
CA ARG C 31 -6.64 -24.04 35.87
C ARG C 31 -6.89 -23.15 37.07
N ARG C 32 -8.09 -22.57 37.19
CA ARG C 32 -8.43 -21.73 38.32
C ARG C 32 -9.04 -22.57 39.44
#